data_7NLX
#
_entry.id   7NLX
#
_cell.length_a   174.480
_cell.length_b   174.480
_cell.length_c   72.541
_cell.angle_alpha   90.000
_cell.angle_beta   90.000
_cell.angle_gamma   120.000
#
_symmetry.space_group_name_H-M   'H 3 2'
#
loop_
_entity.id
_entity.type
_entity.pdbx_description
1 polymer 'Acetylglutamate kinase'
2 non-polymer 7-(trifluoromethyl)quinolin-4-ol
3 non-polymer 'SULFATE ION'
4 water water
#
_entity_poly.entity_id   1
_entity_poly.type   'polypeptide(L)'
_entity_poly.pdbx_seq_one_letter_code
;GSMVSRIEALPTHIKAQVLAEALPWLKQLHGKVVVVKYGGNAMTDDTLRRAFAADMAFLRNCGIHPVVVHGGGPQITAML
RRLGIEGDFKGGFRVTTPEVLDVARMVLFGQVGRELVNLINAHGPYAVGITGEDAQLFTAVRRSVTVDGVATDIGLVGDV
DQVNTAAMLDLVAAGRIPVVSTLAPDADGVVHNINADTAAAAVAEALGAEKLLMLTDIDGLYTRWPDRDSLVSEIDTGTL
AQLLPTLESGMVPKVEACLRAVIGGVPSAHIIDGRVTHCVLVELFTDAGTGTKVVRG
;
_entity_poly.pdbx_strand_id   A
#
loop_
_chem_comp.id
_chem_comp.type
_chem_comp.name
_chem_comp.formula
97W non-polymer 7-(trifluoromethyl)quinolin-4-ol 'C10 H6 F3 N O'
SO4 non-polymer 'SULFATE ION' 'O4 S -2'
#
# COMPACT_ATOMS: atom_id res chain seq x y z
N GLU A 8 17.50 -16.35 -21.87
CA GLU A 8 16.16 -16.88 -22.13
C GLU A 8 16.07 -17.51 -23.51
N ALA A 9 16.57 -18.74 -23.64
CA ALA A 9 16.44 -19.55 -24.84
C ALA A 9 15.10 -20.26 -24.94
N LEU A 10 14.05 -19.66 -24.41
CA LEU A 10 12.69 -20.19 -24.43
C LEU A 10 12.04 -19.91 -25.78
N PRO A 11 11.38 -20.90 -26.38
CA PRO A 11 10.85 -20.74 -27.74
C PRO A 11 9.96 -19.52 -27.90
N THR A 12 10.11 -18.87 -29.06
CA THR A 12 9.43 -17.61 -29.33
C THR A 12 7.91 -17.77 -29.32
N HIS A 13 7.41 -18.94 -29.77
CA HIS A 13 5.96 -19.13 -29.83
C HIS A 13 5.33 -19.22 -28.44
N ILE A 14 6.13 -19.43 -27.40
CA ILE A 14 5.62 -19.40 -26.02
C ILE A 14 5.77 -18.02 -25.38
N LYS A 15 6.82 -17.26 -25.72
CA LYS A 15 6.87 -15.85 -25.35
C LYS A 15 5.65 -15.12 -25.87
N ALA A 16 5.17 -15.52 -27.05
CA ALA A 16 3.99 -14.93 -27.65
C ALA A 16 2.74 -15.19 -26.80
N GLN A 17 2.47 -16.45 -26.47
CA GLN A 17 1.23 -16.76 -25.75
C GLN A 17 1.22 -16.12 -24.36
N VAL A 18 2.39 -15.96 -23.74
CA VAL A 18 2.43 -15.32 -22.42
C VAL A 18 2.00 -13.86 -22.52
N LEU A 19 2.48 -13.17 -23.57
CA LEU A 19 2.05 -11.80 -23.81
C LEU A 19 0.58 -11.73 -24.22
N ALA A 20 0.14 -12.67 -25.06
CA ALA A 20 -1.24 -12.61 -25.51
C ALA A 20 -2.20 -12.82 -24.35
N GLU A 21 -1.81 -13.64 -23.37
CA GLU A 21 -2.67 -13.93 -22.22
C GLU A 21 -2.79 -12.75 -21.25
N ALA A 22 -1.99 -11.71 -21.42
CA ALA A 22 -2.21 -10.49 -20.64
C ALA A 22 -3.41 -9.68 -21.13
N LEU A 23 -3.89 -9.94 -22.36
CA LEU A 23 -4.85 -9.03 -22.96
C LEU A 23 -6.12 -8.84 -22.14
N PRO A 24 -6.75 -9.89 -21.59
CA PRO A 24 -7.98 -9.65 -20.82
C PRO A 24 -7.78 -8.73 -19.63
N TRP A 25 -6.61 -8.74 -19.00
CA TRP A 25 -6.39 -7.81 -17.90
C TRP A 25 -5.94 -6.43 -18.37
N LEU A 26 -5.26 -6.33 -19.51
CA LEU A 26 -5.06 -5.00 -20.10
C LEU A 26 -6.39 -4.31 -20.37
N LYS A 27 -7.36 -5.05 -20.92
CA LYS A 27 -8.67 -4.45 -21.20
C LYS A 27 -9.35 -4.03 -19.91
N GLN A 28 -9.32 -4.90 -18.89
CA GLN A 28 -10.02 -4.60 -17.66
C GLN A 28 -9.41 -3.39 -16.94
N LEU A 29 -8.10 -3.20 -17.06
CA LEU A 29 -7.41 -2.16 -16.31
C LEU A 29 -7.18 -0.87 -17.09
N HIS A 30 -7.36 -0.89 -18.42
CA HIS A 30 -7.12 0.30 -19.23
C HIS A 30 -7.93 1.50 -18.71
N GLY A 31 -7.23 2.58 -18.40
CA GLY A 31 -7.88 3.80 -17.93
C GLY A 31 -8.31 3.78 -16.47
N LYS A 32 -7.93 2.77 -15.70
CA LYS A 32 -8.41 2.58 -14.34
C LYS A 32 -7.32 2.95 -13.33
N VAL A 33 -7.77 3.35 -12.13
CA VAL A 33 -6.87 3.56 -11.00
C VAL A 33 -6.59 2.21 -10.32
N VAL A 34 -5.31 1.94 -10.04
CA VAL A 34 -4.86 0.79 -9.24
C VAL A 34 -3.99 1.34 -8.11
N VAL A 35 -4.42 1.16 -6.86
CA VAL A 35 -3.64 1.63 -5.71
C VAL A 35 -2.78 0.48 -5.20
N VAL A 36 -1.51 0.77 -4.97
CA VAL A 36 -0.53 -0.22 -4.57
C VAL A 36 0.12 0.19 -3.25
N LYS A 37 -0.07 -0.62 -2.21
CA LYS A 37 0.70 -0.45 -0.97
C LYS A 37 2.05 -1.15 -1.11
N TYR A 38 3.10 -0.38 -0.92
CA TYR A 38 4.48 -0.78 -1.11
C TYR A 38 5.16 -0.77 0.25
N GLY A 39 5.72 -1.90 0.65
CA GLY A 39 6.45 -2.01 1.90
C GLY A 39 7.15 -3.36 1.99
N GLY A 40 7.68 -3.65 3.17
CA GLY A 40 8.36 -4.93 3.33
C GLY A 40 9.63 -5.06 2.49
N ASN A 41 9.96 -6.31 2.14
CA ASN A 41 11.22 -6.58 1.46
C ASN A 41 11.23 -6.04 0.04
N ALA A 42 10.05 -5.87 -0.59
CA ALA A 42 10.00 -5.27 -1.92
C ALA A 42 10.55 -3.86 -1.91
N MET A 43 10.69 -3.27 -0.73
CA MET A 43 11.17 -1.91 -0.55
C MET A 43 12.64 -1.86 -0.12
N THR A 44 13.17 -2.95 0.44
CA THR A 44 14.52 -2.97 0.97
C THR A 44 15.54 -3.64 0.05
N ASP A 45 15.13 -4.57 -0.81
CA ASP A 45 16.07 -5.25 -1.68
C ASP A 45 16.12 -4.55 -3.03
N ASP A 46 17.32 -4.28 -3.51
CA ASP A 46 17.46 -3.40 -4.67
C ASP A 46 16.86 -4.03 -5.92
N THR A 47 17.07 -5.34 -6.13
CA THR A 47 16.49 -5.99 -7.31
C THR A 47 14.97 -5.95 -7.28
N LEU A 48 14.36 -6.21 -6.12
CA LEU A 48 12.90 -6.09 -6.02
C LEU A 48 12.47 -4.64 -6.15
N ARG A 49 13.15 -3.73 -5.45
CA ARG A 49 12.93 -2.29 -5.59
C ARG A 49 12.87 -1.88 -7.06
N ARG A 50 13.90 -2.23 -7.83
CA ARG A 50 13.95 -1.78 -9.22
C ARG A 50 12.90 -2.47 -10.07
N ALA A 51 12.54 -3.70 -9.74
CA ALA A 51 11.44 -4.36 -10.44
C ALA A 51 10.11 -3.68 -10.14
N PHE A 52 9.91 -3.26 -8.88
CA PHE A 52 8.67 -2.57 -8.54
C PHE A 52 8.54 -1.27 -9.34
N ALA A 53 9.60 -0.46 -9.34
CA ALA A 53 9.60 0.79 -10.09
C ALA A 53 9.33 0.54 -11.57
N ALA A 54 9.93 -0.50 -12.13
CA ALA A 54 9.73 -0.82 -13.55
C ALA A 54 8.29 -1.19 -13.82
N ASP A 55 7.65 -1.90 -12.88
CA ASP A 55 6.26 -2.32 -13.07
C ASP A 55 5.31 -1.12 -13.02
N MET A 56 5.59 -0.15 -12.15
CA MET A 56 4.80 1.08 -12.16
C MET A 56 4.96 1.82 -13.50
N ALA A 57 6.19 1.88 -14.02
CA ALA A 57 6.36 2.46 -15.36
C ALA A 57 5.62 1.65 -16.42
N PHE A 58 5.60 0.33 -16.27
CA PHE A 58 4.82 -0.55 -17.13
C PHE A 58 3.35 -0.15 -17.14
N LEU A 59 2.71 -0.18 -15.97
CA LEU A 59 1.30 0.20 -15.86
C LEU A 59 1.05 1.51 -16.56
N ARG A 60 1.90 2.49 -16.28
CA ARG A 60 1.72 3.82 -16.84
C ARG A 60 1.88 3.81 -18.37
N ASN A 61 2.72 2.93 -18.92
CA ASN A 61 2.90 2.89 -20.36
C ASN A 61 1.91 1.94 -21.03
N CYS A 62 0.98 1.38 -20.25
CA CYS A 62 -0.24 0.75 -20.73
C CYS A 62 -1.46 1.65 -20.62
N GLY A 63 -1.29 2.89 -20.17
CA GLY A 63 -2.45 3.73 -19.91
C GLY A 63 -3.26 3.29 -18.71
N ILE A 64 -2.64 2.58 -17.77
CA ILE A 64 -3.23 2.27 -16.48
C ILE A 64 -2.74 3.33 -15.51
N HIS A 65 -3.53 3.61 -14.45
CA HIS A 65 -3.23 4.72 -13.53
C HIS A 65 -2.78 4.26 -12.14
N PRO A 66 -1.54 3.83 -11.97
CA PRO A 66 -1.12 3.35 -10.65
C PRO A 66 -0.96 4.49 -9.65
N VAL A 67 -1.30 4.23 -8.40
CA VAL A 67 -1.06 5.16 -7.29
C VAL A 67 -0.34 4.39 -6.19
N VAL A 68 0.82 4.88 -5.77
CA VAL A 68 1.65 4.21 -4.77
C VAL A 68 1.46 4.87 -3.42
N VAL A 69 1.16 4.05 -2.41
CA VAL A 69 1.19 4.43 -1.01
C VAL A 69 2.26 3.60 -0.33
N HIS A 70 3.19 4.25 0.39
CA HIS A 70 4.34 3.56 0.97
C HIS A 70 4.38 3.71 2.48
N GLY A 71 4.92 2.68 3.13
CA GLY A 71 5.22 2.71 4.55
C GLY A 71 6.70 2.97 4.80
N GLY A 72 7.14 2.58 5.99
CA GLY A 72 8.53 2.81 6.34
C GLY A 72 8.76 2.78 7.83
N GLY A 73 8.01 1.93 8.52
CA GLY A 73 8.08 1.80 9.96
C GLY A 73 9.48 1.61 10.48
N PRO A 74 10.19 0.59 9.98
CA PRO A 74 11.55 0.33 10.49
C PRO A 74 12.53 1.49 10.26
N GLN A 75 12.39 2.21 9.15
CA GLN A 75 13.32 3.31 8.89
C GLN A 75 13.14 4.45 9.88
N ILE A 76 11.90 4.68 10.34
CA ILE A 76 11.64 5.72 11.32
C ILE A 76 12.34 5.38 12.63
N THR A 77 12.16 4.14 13.10
CA THR A 77 12.75 3.79 14.37
C THR A 77 14.28 3.80 14.30
N ALA A 78 14.88 3.42 13.17
CA ALA A 78 16.33 3.54 13.05
C ALA A 78 16.76 5.00 13.15
N MET A 79 16.01 5.89 12.51
CA MET A 79 16.39 7.30 12.56
C MET A 79 16.24 7.86 13.98
N LEU A 80 15.18 7.45 14.70
CA LEU A 80 14.98 7.87 16.09
C LEU A 80 16.11 7.39 16.97
N ARG A 81 16.56 6.15 16.76
CA ARG A 81 17.71 5.64 17.50
C ARG A 81 18.96 6.44 17.17
N ARG A 82 19.17 6.76 15.88
CA ARG A 82 20.35 7.55 15.53
C ARG A 82 20.32 8.90 16.21
N LEU A 83 19.14 9.51 16.31
CA LEU A 83 18.97 10.82 16.93
C LEU A 83 18.89 10.73 18.44
N GLY A 84 19.01 9.53 19.00
CA GLY A 84 18.94 9.37 20.44
C GLY A 84 17.64 9.80 21.06
N ILE A 85 16.53 9.72 20.33
CA ILE A 85 15.24 10.13 20.86
C ILE A 85 14.60 8.93 21.56
N GLU A 86 14.41 9.05 22.87
CA GLU A 86 13.90 7.96 23.69
C GLU A 86 12.39 7.87 23.51
N GLY A 87 11.89 6.66 23.27
CA GLY A 87 10.47 6.46 23.06
C GLY A 87 9.71 6.17 24.33
N ASP A 88 8.44 6.55 24.35
CA ASP A 88 7.48 6.06 25.34
C ASP A 88 6.60 5.02 24.65
N PHE A 89 6.22 3.99 25.39
CA PHE A 89 5.48 2.87 24.80
C PHE A 89 4.28 2.53 25.68
N LYS A 90 3.09 2.61 25.09
CA LYS A 90 1.86 2.13 25.70
C LYS A 90 1.40 0.89 24.92
N GLY A 91 1.16 -0.20 25.65
CA GLY A 91 0.99 -1.46 24.96
C GLY A 91 2.27 -1.76 24.18
N GLY A 92 2.12 -2.15 22.93
CA GLY A 92 3.28 -2.31 22.08
C GLY A 92 3.49 -1.18 21.09
N PHE A 93 2.93 -0.01 21.41
CA PHE A 93 2.92 1.14 20.50
C PHE A 93 3.81 2.25 21.03
N ARG A 94 4.71 2.74 20.17
CA ARG A 94 5.41 3.99 20.45
C ARG A 94 4.43 5.16 20.45
N VAL A 95 4.61 6.08 21.39
CA VAL A 95 3.81 7.30 21.41
C VAL A 95 4.38 8.31 20.42
N THR A 96 3.52 8.87 19.56
CA THR A 96 4.02 9.81 18.56
C THR A 96 3.91 11.23 19.13
N THR A 97 5.00 11.68 19.77
CA THR A 97 5.13 13.06 20.21
C THR A 97 5.27 13.99 19.00
N PRO A 98 5.13 15.32 19.19
CA PRO A 98 5.48 16.25 18.11
C PRO A 98 6.85 15.97 17.52
N GLU A 99 7.81 15.62 18.38
CA GLU A 99 9.20 15.34 17.94
C GLU A 99 9.23 14.10 17.04
N VAL A 100 8.55 13.03 17.45
CA VAL A 100 8.57 11.75 16.68
C VAL A 100 7.90 12.00 15.32
N LEU A 101 6.84 12.80 15.29
CA LEU A 101 6.14 13.09 14.01
C LEU A 101 7.11 13.78 13.06
N ASP A 102 7.76 14.84 13.53
CA ASP A 102 8.73 15.55 12.69
C ASP A 102 9.70 14.53 12.09
N VAL A 103 10.18 13.60 12.90
CA VAL A 103 11.11 12.60 12.39
C VAL A 103 10.42 11.67 11.40
N ALA A 104 9.24 11.18 11.76
CA ALA A 104 8.51 10.32 10.84
C ALA A 104 8.30 11.00 9.50
N ARG A 105 7.78 12.23 9.53
CA ARG A 105 7.51 12.97 8.28
C ARG A 105 8.78 13.11 7.45
N MET A 106 9.90 13.50 8.09
CA MET A 106 11.12 13.75 7.32
C MET A 106 11.72 12.46 6.76
N VAL A 107 11.54 11.32 7.46
CA VAL A 107 12.00 10.04 6.94
C VAL A 107 11.08 9.54 5.82
N LEU A 108 9.76 9.52 6.06
CA LEU A 108 8.83 9.02 5.03
C LEU A 108 8.89 9.87 3.77
N PHE A 109 8.69 11.17 3.91
CA PHE A 109 8.59 12.05 2.76
C PHE A 109 9.98 12.42 2.21
N GLY A 110 10.97 12.66 3.08
CA GLY A 110 12.23 13.16 2.56
C GLY A 110 13.31 12.11 2.33
N GLN A 111 13.02 10.85 2.62
CA GLN A 111 13.97 9.76 2.45
C GLN A 111 13.34 8.61 1.66
N VAL A 112 12.36 7.95 2.27
CA VAL A 112 11.80 6.74 1.69
C VAL A 112 11.03 7.06 0.41
N GLY A 113 10.16 8.09 0.45
CA GLY A 113 9.47 8.54 -0.75
C GLY A 113 10.41 8.94 -1.87
N ARG A 114 11.53 9.59 -1.52
CA ARG A 114 12.45 10.08 -2.55
C ARG A 114 13.09 8.95 -3.33
N GLU A 115 13.47 7.85 -2.67
CA GLU A 115 14.14 6.81 -3.43
C GLU A 115 13.17 6.15 -4.41
N LEU A 116 11.90 6.01 -4.03
CA LEU A 116 10.98 5.42 -4.99
C LEU A 116 10.73 6.36 -6.16
N VAL A 117 10.62 7.67 -5.89
CA VAL A 117 10.43 8.65 -6.96
C VAL A 117 11.56 8.59 -7.97
N ASN A 118 12.80 8.50 -7.48
CA ASN A 118 13.95 8.49 -8.38
C ASN A 118 14.06 7.17 -9.12
N LEU A 119 13.66 6.06 -8.48
CA LEU A 119 13.68 4.77 -9.16
C LEU A 119 12.67 4.75 -10.30
N ILE A 120 11.45 5.13 -9.99
CA ILE A 120 10.44 5.16 -11.01
C ILE A 120 10.88 6.12 -12.09
N ASN A 121 11.34 7.30 -11.70
CA ASN A 121 11.74 8.28 -12.67
C ASN A 121 12.93 7.95 -13.54
N ALA A 122 13.47 6.77 -13.36
CA ALA A 122 14.55 6.34 -14.20
C ALA A 122 13.96 5.93 -15.56
N HIS A 123 12.64 5.73 -15.59
CA HIS A 123 11.94 5.34 -16.79
C HIS A 123 11.21 6.47 -17.42
N GLY A 124 11.20 7.63 -16.79
CA GLY A 124 10.50 8.76 -17.34
C GLY A 124 10.02 9.74 -16.31
N PRO A 125 9.45 10.90 -16.81
CA PRO A 125 9.01 11.85 -15.79
C PRO A 125 7.66 11.49 -15.23
N TYR A 126 7.59 10.38 -14.52
CA TYR A 126 6.33 9.93 -13.99
C TYR A 126 6.01 10.22 -12.54
N ALA A 127 6.87 9.80 -11.64
CA ALA A 127 6.64 9.96 -10.22
C ALA A 127 6.64 11.34 -9.61
N VAL A 128 5.73 11.53 -8.69
CA VAL A 128 5.59 12.78 -7.98
C VAL A 128 5.24 12.44 -6.55
N GLY A 129 6.02 12.99 -5.61
CA GLY A 129 5.81 12.70 -4.19
C GLY A 129 4.84 13.66 -3.54
N ILE A 130 3.91 13.13 -2.75
CA ILE A 130 2.87 13.99 -2.11
C ILE A 130 2.54 13.50 -0.71
N THR A 131 2.00 14.39 0.10
CA THR A 131 1.50 14.03 1.44
C THR A 131 0.11 14.66 1.47
N GLY A 132 -0.63 14.50 2.55
CA GLY A 132 -1.95 15.13 2.67
C GLY A 132 -1.85 16.63 2.83
N GLU A 133 -0.68 17.12 3.25
CA GLU A 133 -0.52 18.56 3.49
C GLU A 133 -0.43 19.28 2.13
N ASP A 134 0.06 18.59 1.12
CA ASP A 134 0.21 19.20 -0.22
C ASP A 134 -1.15 19.48 -0.83
N ALA A 135 -1.45 20.74 -1.15
CA ALA A 135 -2.73 21.12 -1.75
C ALA A 135 -3.93 20.58 -0.96
N GLN A 136 -3.73 20.36 0.35
CA GLN A 136 -4.76 19.78 1.22
C GLN A 136 -5.37 18.54 0.58
N LEU A 137 -4.50 17.63 0.10
CA LEU A 137 -5.02 16.52 -0.71
C LEU A 137 -5.85 15.57 0.14
N PHE A 138 -5.47 15.39 1.41
CA PHE A 138 -6.33 14.67 2.33
C PHE A 138 -6.03 15.08 3.75
N THR A 139 -7.02 14.86 4.60
CA THR A 139 -6.91 15.20 6.00
C THR A 139 -6.90 13.92 6.85
N ALA A 140 -6.60 14.11 8.14
CA ALA A 140 -6.56 12.99 9.08
C ALA A 140 -7.44 13.31 10.29
N VAL A 141 -7.96 12.26 10.93
CA VAL A 141 -8.61 12.36 12.22
C VAL A 141 -7.79 11.53 13.22
N ARG A 142 -7.57 12.08 14.40
CA ARG A 142 -6.75 11.39 15.41
C ARG A 142 -7.38 10.06 15.79
N ARG A 143 -6.56 9.02 15.87
CA ARG A 143 -7.01 7.68 16.21
C ARG A 143 -6.46 7.26 17.58
N SER A 144 -7.29 6.55 18.33
CA SER A 144 -6.89 5.86 19.54
C SER A 144 -6.68 4.38 19.24
N VAL A 145 -5.92 3.72 20.12
CA VAL A 145 -5.78 2.28 20.08
C VAL A 145 -6.30 1.73 21.39
N THR A 146 -6.56 0.43 21.42
CA THR A 146 -7.03 -0.19 22.62
C THR A 146 -5.92 -1.08 23.13
N VAL A 147 -5.44 -0.79 24.34
CA VAL A 147 -4.37 -1.59 24.91
C VAL A 147 -4.89 -2.39 26.07
N ASP A 148 -4.91 -3.72 25.90
CA ASP A 148 -5.39 -4.65 26.92
C ASP A 148 -6.67 -4.10 27.48
N GLY A 149 -7.55 -3.71 26.58
CA GLY A 149 -8.82 -3.13 26.97
C GLY A 149 -8.87 -1.68 26.59
N VAL A 150 -8.79 -0.81 27.59
CA VAL A 150 -8.86 0.63 27.39
C VAL A 150 -8.31 1.20 26.08
N ALA A 151 -9.09 2.10 25.49
CA ALA A 151 -8.70 2.78 24.28
C ALA A 151 -7.79 3.81 24.90
N THR A 152 -6.68 4.10 24.23
CA THR A 152 -5.69 5.00 24.80
C THR A 152 -5.04 5.84 23.71
N ASP A 153 -4.59 7.03 24.10
CA ASP A 153 -3.94 7.97 23.20
C ASP A 153 -2.46 7.62 23.03
N ILE A 154 -2.01 7.57 21.78
CA ILE A 154 -0.61 7.31 21.47
C ILE A 154 -0.11 8.44 20.57
N GLY A 155 -0.67 9.63 20.80
CA GLY A 155 -0.14 10.82 20.15
C GLY A 155 -0.71 11.07 18.77
N LEU A 156 0.12 11.71 17.92
CA LEU A 156 -0.29 12.26 16.63
C LEU A 156 -0.34 11.16 15.55
N VAL A 157 -1.26 10.23 15.75
CA VAL A 157 -1.46 9.11 14.85
C VAL A 157 -2.93 9.10 14.49
N GLY A 158 -3.23 8.94 13.20
CA GLY A 158 -4.59 9.12 12.73
C GLY A 158 -4.99 8.14 11.66
N ASP A 159 -6.23 8.29 11.22
CA ASP A 159 -6.77 7.67 10.02
C ASP A 159 -7.04 8.76 8.99
N VAL A 160 -7.05 8.37 7.72
CA VAL A 160 -7.47 9.29 6.67
C VAL A 160 -8.90 9.75 6.94
N ASP A 161 -9.13 11.06 6.90
CA ASP A 161 -10.49 11.57 7.07
C ASP A 161 -11.17 11.82 5.72
N GLN A 162 -10.85 12.93 5.05
CA GLN A 162 -11.40 13.23 3.74
C GLN A 162 -10.30 13.27 2.70
N VAL A 163 -10.66 12.97 1.45
CA VAL A 163 -9.71 12.89 0.34
C VAL A 163 -10.18 13.83 -0.76
N ASN A 164 -9.28 14.68 -1.25
CA ASN A 164 -9.61 15.54 -2.39
C ASN A 164 -9.60 14.66 -3.64
N THR A 165 -10.69 13.92 -3.82
CA THR A 165 -10.79 12.96 -4.91
C THR A 165 -10.55 13.63 -6.26
N ALA A 166 -11.22 14.75 -6.52
CA ALA A 166 -11.08 15.44 -7.80
C ALA A 166 -9.62 15.81 -8.07
N ALA A 167 -8.96 16.50 -7.12
CA ALA A 167 -7.60 16.97 -7.37
C ALA A 167 -6.65 15.80 -7.58
N MET A 168 -6.90 14.68 -6.91
CA MET A 168 -6.04 13.52 -7.05
C MET A 168 -6.13 12.92 -8.44
N LEU A 169 -7.35 12.81 -8.99
CA LEU A 169 -7.53 12.21 -10.30
C LEU A 169 -6.99 13.11 -11.41
N ASP A 170 -7.01 14.43 -11.23
CA ASP A 170 -6.34 15.32 -12.18
C ASP A 170 -4.86 14.97 -12.28
N LEU A 171 -4.22 14.80 -11.12
CA LEU A 171 -2.80 14.45 -11.08
C LEU A 171 -2.55 13.18 -11.88
N VAL A 172 -3.41 12.19 -11.71
CA VAL A 172 -3.25 10.92 -12.39
C VAL A 172 -3.52 11.08 -13.89
N ALA A 173 -4.61 11.77 -14.26
CA ALA A 173 -4.96 11.93 -15.66
C ALA A 173 -3.87 12.66 -16.44
N ALA A 174 -3.06 13.49 -15.79
CA ALA A 174 -1.94 14.16 -16.43
C ALA A 174 -0.76 13.23 -16.70
N GLY A 175 -0.83 11.94 -16.35
CA GLY A 175 0.25 11.01 -16.60
C GLY A 175 1.20 10.81 -15.43
N ARG A 176 0.89 11.33 -14.27
CA ARG A 176 1.77 11.20 -13.13
C ARG A 176 1.48 10.01 -12.27
N ILE A 177 2.49 9.54 -11.57
CA ILE A 177 2.34 8.46 -10.65
C ILE A 177 2.55 9.03 -9.28
N PRO A 178 1.41 9.23 -8.54
CA PRO A 178 1.64 9.78 -7.20
C PRO A 178 2.28 8.77 -6.25
N VAL A 179 3.26 9.20 -5.50
CA VAL A 179 3.89 8.37 -4.53
C VAL A 179 3.54 9.04 -3.23
N VAL A 180 2.65 8.43 -2.49
CA VAL A 180 2.14 9.02 -1.28
C VAL A 180 2.79 8.63 0.03
N SER A 181 3.16 9.62 0.81
CA SER A 181 3.72 9.44 2.11
C SER A 181 2.54 9.76 3.01
N THR A 182 2.18 8.85 3.87
CA THR A 182 1.01 9.00 4.71
C THR A 182 0.99 9.93 5.90
N LEU A 183 1.07 11.21 5.65
CA LEU A 183 0.98 12.20 6.69
C LEU A 183 -0.06 13.17 6.23
N ALA A 184 -0.82 13.74 7.15
CA ALA A 184 -1.84 14.68 6.75
C ALA A 184 -2.28 15.48 7.91
N PRO A 185 -2.76 16.69 7.66
CA PRO A 185 -3.23 17.54 8.76
C PRO A 185 -4.61 17.12 9.24
N ASP A 186 -4.86 17.35 10.53
CA ASP A 186 -6.22 17.24 11.05
C ASP A 186 -6.96 18.53 10.69
N ALA A 187 -8.17 18.69 11.23
CA ALA A 187 -8.96 19.87 10.89
C ALA A 187 -8.36 21.16 11.44
N ASP A 188 -7.41 21.08 12.37
CA ASP A 188 -6.77 22.26 12.92
C ASP A 188 -5.39 22.52 12.32
N GLY A 189 -5.01 21.76 11.29
CA GLY A 189 -3.71 21.93 10.67
C GLY A 189 -2.59 21.19 11.36
N VAL A 190 -2.89 20.30 12.29
CA VAL A 190 -1.87 19.55 13.00
C VAL A 190 -1.63 18.24 12.28
N VAL A 191 -0.41 18.04 11.80
CA VAL A 191 -0.09 16.91 10.93
C VAL A 191 0.04 15.63 11.75
N HIS A 192 -0.62 14.57 11.31
CA HIS A 192 -0.57 13.26 11.94
C HIS A 192 0.09 12.26 11.00
N ASN A 193 0.64 11.19 11.58
CA ASN A 193 1.11 10.07 10.78
C ASN A 193 0.01 9.01 10.69
N ILE A 194 -0.18 8.45 9.50
CA ILE A 194 -1.26 7.49 9.26
C ILE A 194 -0.65 6.16 8.89
N ASN A 195 -1.21 5.07 9.42
CA ASN A 195 -0.75 3.75 9.05
C ASN A 195 -0.91 3.56 7.53
N ALA A 196 0.16 3.10 6.88
CA ALA A 196 0.20 3.07 5.42
C ALA A 196 -0.81 2.08 4.85
N ASP A 197 -1.02 0.96 5.54
CA ASP A 197 -1.98 -0.03 5.04
C ASP A 197 -3.40 0.54 5.03
N THR A 198 -3.82 1.15 6.15
CA THR A 198 -5.18 1.71 6.17
C THR A 198 -5.29 2.90 5.23
N ALA A 199 -4.25 3.74 5.15
CA ALA A 199 -4.30 4.85 4.20
C ALA A 199 -4.49 4.37 2.77
N ALA A 200 -3.86 3.25 2.40
CA ALA A 200 -4.01 2.75 1.03
C ALA A 200 -5.44 2.33 0.76
N ALA A 201 -6.06 1.64 1.71
CA ALA A 201 -7.46 1.28 1.60
C ALA A 201 -8.33 2.52 1.41
N ALA A 202 -8.10 3.57 2.21
CA ALA A 202 -8.94 4.76 2.11
C ALA A 202 -8.75 5.47 0.77
N VAL A 203 -7.49 5.59 0.31
CA VAL A 203 -7.24 6.20 -0.99
C VAL A 203 -7.92 5.41 -2.10
N ALA A 204 -7.82 4.08 -2.04
CA ALA A 204 -8.41 3.25 -3.08
C ALA A 204 -9.92 3.46 -3.16
N GLU A 205 -10.59 3.49 -2.01
CA GLU A 205 -12.03 3.72 -1.97
C GLU A 205 -12.37 5.12 -2.49
N ALA A 206 -11.65 6.13 -2.02
CA ALA A 206 -11.96 7.49 -2.44
C ALA A 206 -11.78 7.67 -3.95
N LEU A 207 -10.74 7.06 -4.53
CA LEU A 207 -10.45 7.29 -5.94
C LEU A 207 -11.23 6.38 -6.87
N GLY A 208 -12.12 5.55 -6.36
CA GLY A 208 -12.77 4.56 -7.21
C GLY A 208 -11.79 3.63 -7.89
N ALA A 209 -10.76 3.16 -7.18
CA ALA A 209 -9.79 2.25 -7.78
C ALA A 209 -10.46 0.96 -8.25
N GLU A 210 -9.88 0.38 -9.31
CA GLU A 210 -10.33 -0.92 -9.80
C GLU A 210 -9.75 -2.07 -8.96
N LYS A 211 -8.54 -1.89 -8.44
CA LYS A 211 -7.89 -2.89 -7.60
C LYS A 211 -7.10 -2.19 -6.52
N LEU A 212 -7.05 -2.82 -5.35
CA LEU A 212 -6.07 -2.48 -4.34
C LEU A 212 -5.08 -3.64 -4.25
N LEU A 213 -3.79 -3.35 -4.39
CA LEU A 213 -2.73 -4.34 -4.20
C LEU A 213 -2.02 -4.02 -2.90
N MET A 214 -1.78 -5.06 -2.08
CA MET A 214 -1.10 -4.94 -0.79
C MET A 214 0.14 -5.83 -0.82
N LEU A 215 1.32 -5.24 -1.03
CA LEU A 215 2.54 -6.04 -1.01
C LEU A 215 2.91 -6.42 0.43
N THR A 216 3.15 -7.72 0.64
CA THR A 216 3.34 -8.34 1.96
C THR A 216 4.49 -9.33 1.86
N ASP A 217 5.10 -9.64 3.01
CA ASP A 217 6.20 -10.61 3.05
C ASP A 217 5.71 -12.04 3.29
N ILE A 218 4.59 -12.45 2.69
CA ILE A 218 4.06 -13.80 2.84
C ILE A 218 3.50 -14.26 1.51
N ASP A 219 3.31 -15.59 1.39
CA ASP A 219 2.77 -16.14 0.14
C ASP A 219 1.35 -15.66 -0.11
N GLY A 220 0.58 -15.46 0.94
CA GLY A 220 -0.82 -15.17 0.82
C GLY A 220 -1.49 -15.51 2.15
N LEU A 221 -2.81 -15.40 2.14
CA LEU A 221 -3.58 -15.59 3.36
C LEU A 221 -3.70 -17.07 3.68
N TYR A 222 -3.19 -17.46 4.85
CA TYR A 222 -3.44 -18.77 5.42
C TYR A 222 -4.59 -18.66 6.41
N THR A 223 -5.49 -19.66 6.39
CA THR A 223 -6.58 -19.67 7.36
C THR A 223 -6.17 -20.37 8.65
N ARG A 224 -5.45 -21.49 8.52
CA ARG A 224 -4.95 -22.23 9.67
C ARG A 224 -3.43 -22.28 9.63
N TRP A 225 -2.77 -21.12 9.68
CA TRP A 225 -1.31 -21.09 9.71
C TRP A 225 -0.84 -21.87 10.93
N PRO A 226 0.18 -22.74 10.75
CA PRO A 226 0.98 -22.91 9.54
C PRO A 226 0.65 -24.11 8.63
N ASP A 227 -0.57 -24.67 8.65
CA ASP A 227 -0.94 -25.69 7.67
C ASP A 227 -0.78 -25.13 6.26
N ARG A 228 0.08 -25.75 5.45
CA ARG A 228 0.23 -25.28 4.08
C ARG A 228 -1.02 -25.57 3.26
N ASP A 229 -1.78 -26.60 3.65
CA ASP A 229 -3.07 -26.87 3.02
C ASP A 229 -4.05 -25.72 3.20
N SER A 230 -3.79 -24.81 4.13
CA SER A 230 -4.74 -23.76 4.52
C SER A 230 -4.63 -22.50 3.67
N LEU A 231 -3.66 -22.43 2.77
CA LEU A 231 -3.51 -21.25 1.93
C LEU A 231 -4.69 -21.14 0.97
N VAL A 232 -5.30 -19.98 0.91
CA VAL A 232 -6.47 -19.73 0.06
C VAL A 232 -6.10 -18.71 -1.02
N SER A 233 -6.78 -18.80 -2.17
CA SER A 233 -6.49 -17.91 -3.29
C SER A 233 -7.55 -16.84 -3.52
N GLU A 234 -8.78 -17.08 -3.06
CA GLU A 234 -9.85 -16.09 -3.13
C GLU A 234 -10.74 -16.26 -1.91
N ILE A 235 -11.36 -15.16 -1.47
CA ILE A 235 -12.22 -15.18 -0.29
C ILE A 235 -13.12 -13.96 -0.34
N ASP A 236 -14.33 -14.09 0.19
CA ASP A 236 -15.25 -12.98 0.32
C ASP A 236 -15.05 -12.25 1.65
N THR A 237 -15.55 -11.01 1.71
CA THR A 237 -15.36 -10.18 2.90
C THR A 237 -16.07 -10.75 4.11
N GLY A 238 -17.25 -11.32 3.92
CA GLY A 238 -17.98 -11.91 5.04
C GLY A 238 -17.18 -13.01 5.71
N THR A 239 -16.58 -13.90 4.91
CA THR A 239 -15.82 -15.01 5.46
C THR A 239 -14.53 -14.52 6.10
N LEU A 240 -13.89 -13.54 5.48
CA LEU A 240 -12.59 -13.11 5.96
C LEU A 240 -12.71 -12.26 7.22
N ALA A 241 -13.74 -11.40 7.27
CA ALA A 241 -14.06 -10.68 8.50
C ALA A 241 -14.25 -11.63 9.66
N GLN A 242 -14.82 -12.79 9.41
CA GLN A 242 -14.99 -13.74 10.49
C GLN A 242 -13.68 -14.37 10.87
N LEU A 243 -12.75 -14.44 9.93
CA LEU A 243 -11.47 -15.04 10.20
C LEU A 243 -10.46 -14.12 10.90
N LEU A 244 -10.64 -12.82 10.70
CA LEU A 244 -9.75 -11.82 11.27
C LEU A 244 -9.23 -12.08 12.67
N PRO A 245 -10.19 -12.28 13.64
CA PRO A 245 -9.65 -12.46 15.00
C PRO A 245 -8.69 -13.61 15.18
N THR A 246 -8.54 -14.43 14.16
CA THR A 246 -7.68 -15.58 14.22
C THR A 246 -6.24 -15.31 13.83
N LEU A 247 -6.02 -14.38 12.93
CA LEU A 247 -4.70 -14.09 12.38
C LEU A 247 -3.61 -13.46 13.23
N GLU A 248 -2.38 -13.73 12.82
CA GLU A 248 -1.18 -13.21 13.47
C GLU A 248 -1.28 -11.70 13.55
N SER A 249 -0.47 -11.09 14.39
CA SER A 249 -0.53 -9.64 14.54
C SER A 249 -0.15 -8.92 13.26
N GLY A 250 0.72 -9.52 12.43
CA GLY A 250 1.19 -8.84 11.24
C GLY A 250 0.16 -8.78 10.13
N MET A 251 -0.65 -9.84 10.01
CA MET A 251 -1.62 -9.91 8.92
C MET A 251 -2.86 -9.04 9.14
N VAL A 252 -3.14 -8.67 10.39
CA VAL A 252 -4.35 -7.91 10.72
C VAL A 252 -4.45 -6.63 9.90
N PRO A 253 -3.47 -5.71 9.93
CA PRO A 253 -3.66 -4.46 9.19
C PRO A 253 -3.83 -4.65 7.69
N LYS A 254 -3.15 -5.64 7.10
CA LYS A 254 -3.30 -5.89 5.67
C LYS A 254 -4.70 -6.37 5.34
N VAL A 255 -5.27 -7.19 6.23
CA VAL A 255 -6.61 -7.77 6.03
C VAL A 255 -7.70 -6.74 6.30
N GLU A 256 -7.54 -5.93 7.34
CA GLU A 256 -8.49 -4.86 7.60
C GLU A 256 -8.51 -3.86 6.46
N ALA A 257 -7.35 -3.58 5.87
CA ALA A 257 -7.31 -2.71 4.69
C ALA A 257 -8.16 -3.29 3.56
N CYS A 258 -7.98 -4.59 3.25
CA CYS A 258 -8.76 -5.20 2.18
C CYS A 258 -10.25 -5.21 2.50
N LEU A 259 -10.62 -5.42 3.77
CA LEU A 259 -12.03 -5.36 4.16
C LEU A 259 -12.61 -3.97 3.93
N ARG A 260 -11.94 -2.94 4.46
CA ARG A 260 -12.45 -1.59 4.32
C ARG A 260 -12.54 -1.19 2.85
N ALA A 261 -11.57 -1.62 2.05
CA ALA A 261 -11.55 -1.24 0.64
C ALA A 261 -12.67 -1.91 -0.13
N VAL A 262 -12.77 -3.24 -0.03
CA VAL A 262 -13.72 -3.96 -0.87
C VAL A 262 -15.14 -3.70 -0.40
N ILE A 263 -15.34 -3.52 0.91
CA ILE A 263 -16.66 -3.11 1.39
C ILE A 263 -16.98 -1.71 0.89
N GLY A 264 -15.97 -0.85 0.80
CA GLY A 264 -16.18 0.47 0.25
C GLY A 264 -16.43 0.50 -1.25
N GLY A 265 -16.40 -0.66 -1.92
CA GLY A 265 -16.76 -0.72 -3.33
C GLY A 265 -15.60 -0.95 -4.29
N VAL A 266 -14.37 -1.05 -3.82
CA VAL A 266 -13.29 -1.45 -4.73
C VAL A 266 -13.50 -2.90 -5.16
N PRO A 267 -13.54 -3.20 -6.46
CA PRO A 267 -13.97 -4.55 -6.88
C PRO A 267 -13.13 -5.68 -6.33
N SER A 268 -11.80 -5.53 -6.22
CA SER A 268 -11.01 -6.56 -5.57
C SER A 268 -9.77 -5.97 -4.92
N ALA A 269 -9.45 -6.46 -3.72
CA ALA A 269 -8.19 -6.18 -3.04
C ALA A 269 -7.39 -7.46 -2.97
N HIS A 270 -6.07 -7.34 -3.15
CA HIS A 270 -5.22 -8.51 -3.24
C HIS A 270 -4.09 -8.40 -2.24
N ILE A 271 -3.79 -9.50 -1.58
CA ILE A 271 -2.60 -9.66 -0.76
C ILE A 271 -1.61 -10.48 -1.59
N ILE A 272 -0.51 -9.86 -2.04
CA ILE A 272 0.44 -10.55 -2.90
C ILE A 272 1.81 -10.57 -2.26
N ASP A 273 2.65 -11.49 -2.74
CA ASP A 273 3.97 -11.79 -2.17
C ASP A 273 5.00 -10.79 -2.68
N GLY A 274 5.37 -9.83 -1.82
CA GLY A 274 6.34 -8.81 -2.19
C GLY A 274 7.76 -9.30 -2.36
N ARG A 275 8.04 -10.56 -2.00
CA ARG A 275 9.37 -11.15 -2.15
C ARG A 275 9.58 -11.75 -3.53
N VAL A 276 8.55 -11.72 -4.38
CA VAL A 276 8.62 -12.20 -5.77
C VAL A 276 8.93 -11.02 -6.68
N THR A 277 9.95 -11.18 -7.53
CA THR A 277 10.27 -10.14 -8.50
C THR A 277 9.11 -9.92 -9.46
N HIS A 278 8.78 -8.66 -9.71
CA HIS A 278 7.67 -8.27 -10.59
C HIS A 278 6.33 -8.87 -10.13
N CYS A 279 6.14 -8.97 -8.81
CA CYS A 279 4.88 -9.52 -8.29
C CYS A 279 3.68 -8.77 -8.84
N VAL A 280 3.82 -7.46 -9.03
CA VAL A 280 2.71 -6.67 -9.60
C VAL A 280 2.32 -7.20 -10.97
N LEU A 281 3.30 -7.33 -11.88
CA LEU A 281 3.02 -7.93 -13.19
C LEU A 281 2.39 -9.31 -13.07
N VAL A 282 2.94 -10.15 -12.20
CA VAL A 282 2.42 -11.51 -12.05
C VAL A 282 0.96 -11.44 -11.62
N GLU A 283 0.67 -10.63 -10.59
CA GLU A 283 -0.68 -10.60 -10.04
C GLU A 283 -1.68 -9.99 -11.02
N LEU A 284 -1.25 -9.02 -11.82
CA LEU A 284 -2.19 -8.30 -12.68
C LEU A 284 -2.36 -8.93 -14.05
N PHE A 285 -1.34 -9.56 -14.60
CA PHE A 285 -1.38 -9.94 -16.01
C PHE A 285 -1.22 -11.44 -16.27
N THR A 286 -1.16 -12.27 -15.22
CA THR A 286 -1.22 -13.71 -15.38
C THR A 286 -2.25 -14.26 -14.39
N ASP A 287 -2.66 -15.50 -14.62
CA ASP A 287 -3.49 -16.23 -13.68
C ASP A 287 -2.66 -17.12 -12.76
N ALA A 288 -1.35 -16.85 -12.66
CA ALA A 288 -0.44 -17.70 -11.92
C ALA A 288 -0.07 -17.10 -10.57
N GLY A 289 -0.83 -16.11 -10.12
CA GLY A 289 -0.47 -15.41 -8.90
C GLY A 289 -0.61 -16.26 -7.66
N THR A 290 0.31 -16.03 -6.72
CA THR A 290 0.28 -16.63 -5.40
C THR A 290 -0.67 -15.91 -4.44
N GLY A 291 -1.14 -14.72 -4.79
CA GLY A 291 -1.79 -13.87 -3.83
C GLY A 291 -3.14 -14.38 -3.38
N THR A 292 -3.77 -13.60 -2.50
CA THR A 292 -5.13 -13.82 -2.06
C THR A 292 -6.01 -12.67 -2.53
N LYS A 293 -7.05 -12.98 -3.31
CA LYS A 293 -7.99 -11.98 -3.83
C LYS A 293 -9.21 -11.91 -2.92
N VAL A 294 -9.56 -10.69 -2.49
CA VAL A 294 -10.71 -10.46 -1.61
C VAL A 294 -11.82 -9.74 -2.40
N VAL A 295 -13.00 -10.38 -2.49
CA VAL A 295 -14.17 -9.79 -3.14
C VAL A 295 -15.30 -9.69 -2.11
N ARG A 296 -16.34 -8.94 -2.45
CA ARG A 296 -17.41 -8.76 -1.47
C ARG A 296 -18.37 -9.95 -1.48
N GLY A 297 -19.03 -10.14 -0.33
CA GLY A 297 -20.02 -11.19 -0.19
C GLY A 297 -20.33 -11.55 1.25
C10 97W B . 0.69 18.43 -9.55
O01 97W B . 2.79 18.44 -11.51
C02 97W B . 3.08 18.21 -10.15
C03 97W B . 4.40 17.99 -9.75
C04 97W B . 4.63 17.77 -8.39
N05 97W B . 3.66 17.76 -7.50
C06 97W B . 2.37 17.98 -7.87
C07 97W B . 1.35 17.96 -6.87
C08 97W B . 0.03 18.19 -7.24
C09 97W B . -0.31 18.41 -8.58
C11 97W B . 2.04 18.20 -9.18
C12 97W B . -1.09 18.16 -6.20
F13 97W B . -1.79 17.00 -6.33
F14 97W B . -1.94 19.22 -6.41
F15 97W B . -0.57 18.21 -4.94
S SO4 C . -8.32 -11.18 -11.33
O1 SO4 C . -8.74 -12.13 -12.36
O2 SO4 C . -9.39 -10.99 -10.37
O3 SO4 C . -8.02 -9.90 -11.98
O4 SO4 C . -7.15 -11.68 -10.64
#